data_7TVY
#
_entry.id   7TVY
#
_cell.length_a   33.231
_cell.length_b   122.809
_cell.length_c   74.433
_cell.angle_alpha   90.000
_cell.angle_beta   90.430
_cell.angle_gamma   90.000
#
_symmetry.space_group_name_H-M   'P 1 21 1'
#
loop_
_entity.id
_entity.type
_entity.pdbx_description
1 polymer 'Salivary short D7 protein 3'
2 non-polymer 'SULFATE ION'
3 water water
#
_entity_poly.entity_id   1
_entity_poly.type   'polypeptide(L)'
_entity_poly.pdbx_seq_one_letter_code
;RFTPLGIDEFYIKPCERKIVYTTDKHDKCLMRRLEIEMDTGENQGYVKCVFKEFGYLNGEGQFNKQALLKDYHQAGFKNK
DKAVLESYDGCMKNYGPTPNAMKILDCVTKDKDFPKVINARRERNSDWKPDWIQAYCGVTKLF
;
_entity_poly.pdbx_strand_id   A,B,C,D
#
loop_
_chem_comp.id
_chem_comp.type
_chem_comp.name
_chem_comp.formula
SO4 non-polymer 'SULFATE ION' 'O4 S -2'
#
# COMPACT_ATOMS: atom_id res chain seq x y z
N ARG A 1 -21.21 0.88 -25.67
CA ARG A 1 -20.49 -0.31 -26.05
C ARG A 1 -21.37 -1.56 -25.92
N PHE A 2 -21.29 -2.44 -26.93
CA PHE A 2 -21.94 -3.74 -26.87
C PHE A 2 -20.97 -4.87 -26.59
N THR A 3 -19.68 -4.68 -26.86
CA THR A 3 -18.64 -5.63 -26.49
C THR A 3 -17.85 -5.07 -25.32
N PRO A 4 -17.73 -5.79 -24.22
CA PRO A 4 -17.03 -5.23 -23.04
C PRO A 4 -15.55 -5.03 -23.30
N LEU A 5 -14.96 -4.08 -22.57
CA LEU A 5 -13.53 -3.79 -22.72
C LEU A 5 -12.66 -4.90 -22.16
N GLY A 6 -13.14 -5.63 -21.15
CA GLY A 6 -12.31 -6.64 -20.53
C GLY A 6 -11.25 -6.09 -19.59
N ILE A 7 -11.48 -4.92 -18.99
CA ILE A 7 -10.57 -4.39 -17.97
C ILE A 7 -10.84 -5.10 -16.65
N ASP A 8 -9.77 -5.36 -15.88
CA ASP A 8 -9.91 -6.01 -14.59
C ASP A 8 -10.38 -5.01 -13.52
N GLU A 9 -10.86 -5.56 -12.40
CA GLU A 9 -11.44 -4.75 -11.33
C GLU A 9 -10.35 -4.02 -10.54
N PHE A 10 -10.39 -2.69 -10.54
CA PHE A 10 -9.42 -1.89 -9.81
C PHE A 10 -9.96 -1.55 -8.42
N TYR A 11 -9.16 -1.81 -7.40
CA TYR A 11 -9.50 -1.44 -6.03
C TYR A 11 -8.54 -0.33 -5.60
N ILE A 12 -8.94 0.91 -5.84
CA ILE A 12 -8.11 2.06 -5.54
C ILE A 12 -8.74 2.75 -4.33
N LYS A 13 -8.22 2.42 -3.15
CA LYS A 13 -8.84 2.82 -1.88
C LYS A 13 -9.18 4.31 -1.80
N PRO A 14 -8.29 5.26 -2.13
CA PRO A 14 -8.67 6.67 -2.00
C PRO A 14 -9.76 7.12 -2.96
N CYS A 15 -10.18 6.29 -3.92
CA CYS A 15 -11.28 6.63 -4.80
C CYS A 15 -12.57 5.92 -4.45
N GLU A 16 -12.53 4.96 -3.52
CA GLU A 16 -13.73 4.28 -3.09
C GLU A 16 -14.75 5.26 -2.51
N ARG A 17 -14.28 6.35 -1.91
CA ARG A 17 -15.17 7.35 -1.34
C ARG A 17 -15.98 8.11 -2.40
N LYS A 18 -15.63 7.99 -3.67
CA LYS A 18 -16.42 8.59 -4.74
C LYS A 18 -17.61 7.73 -5.15
N ILE A 19 -17.67 6.48 -4.69
CA ILE A 19 -18.81 5.61 -4.96
C ILE A 19 -19.84 5.86 -3.86
N VAL A 20 -20.78 6.75 -4.14
CA VAL A 20 -21.75 7.22 -3.16
C VAL A 20 -23.13 6.63 -3.46
N TYR A 21 -23.72 6.98 -4.61
CA TYR A 21 -25.08 6.56 -4.89
C TYR A 21 -25.19 5.18 -5.52
N THR A 22 -24.11 4.65 -6.07
CA THR A 22 -24.15 3.31 -6.65
C THR A 22 -24.00 2.29 -5.54
N THR A 23 -25.01 1.43 -5.35
CA THR A 23 -24.98 0.43 -4.31
C THR A 23 -25.07 -1.00 -4.83
N ASP A 24 -25.66 -1.21 -6.01
CA ASP A 24 -25.72 -2.56 -6.56
C ASP A 24 -24.33 -3.12 -6.81
N LYS A 25 -24.16 -4.39 -6.45
CA LYS A 25 -22.84 -5.02 -6.50
C LYS A 25 -22.25 -4.98 -7.90
N HIS A 26 -23.00 -5.42 -8.90
CA HIS A 26 -22.46 -5.46 -10.25
C HIS A 26 -22.24 -4.05 -10.79
N ASP A 27 -23.14 -3.10 -10.49
CA ASP A 27 -22.95 -1.73 -10.95
C ASP A 27 -21.66 -1.14 -10.41
N LYS A 28 -21.33 -1.44 -9.15
CA LYS A 28 -20.04 -1.02 -8.61
C LYS A 28 -18.89 -1.76 -9.27
N CYS A 29 -19.10 -3.02 -9.64
CA CYS A 29 -18.08 -3.77 -10.36
C CYS A 29 -17.72 -3.07 -11.67
N LEU A 30 -18.75 -2.64 -12.42
CA LEU A 30 -18.50 -1.97 -13.70
C LEU A 30 -17.76 -0.64 -13.50
N MET A 31 -18.05 0.06 -12.41
CA MET A 31 -17.33 1.26 -12.01
C MET A 31 -15.84 0.95 -11.89
N ARG A 32 -15.50 -0.05 -11.05
CA ARG A 32 -14.11 -0.41 -10.77
C ARG A 32 -13.40 -0.99 -11.99
N ARG A 33 -14.14 -1.59 -12.92
CA ARG A 33 -13.58 -2.10 -14.15
C ARG A 33 -13.52 -1.05 -15.25
N LEU A 34 -13.86 0.20 -14.92
CA LEU A 34 -13.88 1.32 -15.86
C LEU A 34 -14.70 0.99 -17.11
N GLU A 35 -15.74 0.18 -16.94
CA GLU A 35 -16.65 -0.16 -18.03
C GLU A 35 -17.86 0.75 -18.08
N ILE A 36 -18.07 1.59 -17.07
CA ILE A 36 -19.14 2.58 -17.10
C ILE A 36 -18.98 3.49 -18.30
N GLU A 37 -20.11 3.97 -18.82
CA GLU A 37 -20.11 4.95 -19.89
C GLU A 37 -21.03 6.14 -19.62
N MET A 38 -21.96 6.04 -18.68
CA MET A 38 -22.96 7.07 -18.49
C MET A 38 -22.37 8.29 -17.81
N ASP A 39 -22.69 9.47 -18.35
CA ASP A 39 -22.21 10.75 -17.85
C ASP A 39 -23.08 11.17 -16.67
N THR A 40 -22.72 10.66 -15.50
CA THR A 40 -23.32 11.08 -14.25
C THR A 40 -22.25 11.73 -13.38
N GLY A 41 -22.68 12.63 -12.49
CA GLY A 41 -21.73 13.23 -11.57
C GLY A 41 -20.95 12.22 -10.78
N GLU A 42 -21.59 11.10 -10.42
CA GLU A 42 -20.90 10.07 -9.65
C GLU A 42 -19.81 9.40 -10.48
N ASN A 43 -20.15 8.96 -11.70
CA ASN A 43 -19.15 8.33 -12.55
C ASN A 43 -18.00 9.29 -12.84
N GLN A 44 -18.30 10.56 -13.11
CA GLN A 44 -17.28 11.57 -13.33
C GLN A 44 -16.36 11.70 -12.13
N GLY A 45 -16.93 11.77 -10.92
CA GLY A 45 -16.11 11.89 -9.73
C GLY A 45 -15.17 10.71 -9.55
N TYR A 46 -15.68 9.49 -9.72
CA TYR A 46 -14.86 8.30 -9.50
C TYR A 46 -13.77 8.19 -10.55
N VAL A 47 -14.13 8.35 -11.83
CA VAL A 47 -13.15 8.21 -12.90
C VAL A 47 -12.09 9.31 -12.81
N LYS A 48 -12.51 10.54 -12.47
CA LYS A 48 -11.54 11.61 -12.25
C LYS A 48 -10.53 11.22 -11.18
N CYS A 49 -11.02 10.68 -10.06
CA CYS A 49 -10.12 10.25 -8.99
C CYS A 49 -9.19 9.16 -9.47
N VAL A 50 -9.71 8.16 -10.20
CA VAL A 50 -8.87 7.07 -10.70
C VAL A 50 -7.79 7.61 -11.61
N PHE A 51 -8.18 8.46 -12.56
CA PHE A 51 -7.20 9.03 -13.49
C PHE A 51 -6.17 9.90 -12.77
N LYS A 52 -6.55 10.55 -11.67
CA LYS A 52 -5.55 11.25 -10.86
C LYS A 52 -4.57 10.25 -10.24
N GLU A 53 -5.08 9.12 -9.74
CA GLU A 53 -4.17 8.12 -9.19
C GLU A 53 -3.32 7.47 -10.27
N PHE A 54 -3.86 7.35 -11.49
CA PHE A 54 -3.11 6.86 -12.63
C PHE A 54 -2.04 7.83 -13.11
N GLY A 55 -2.04 9.07 -12.62
CA GLY A 55 -1.20 10.09 -13.19
C GLY A 55 -1.66 10.58 -14.56
N TYR A 56 -2.84 10.14 -15.01
CA TYR A 56 -3.36 10.54 -16.30
C TYR A 56 -3.91 11.96 -16.30
N LEU A 57 -4.31 12.45 -15.14
CA LEU A 57 -4.89 13.77 -14.99
C LEU A 57 -4.15 14.50 -13.88
N ASN A 58 -3.76 15.74 -14.16
CA ASN A 58 -3.06 16.54 -13.15
C ASN A 58 -4.05 17.37 -12.35
N GLY A 59 -3.51 18.21 -11.46
CA GLY A 59 -4.36 19.02 -10.60
C GLY A 59 -5.10 20.11 -11.34
N GLU A 60 -4.58 20.54 -12.49
CA GLU A 60 -5.25 21.53 -13.32
C GLU A 60 -6.20 20.93 -14.34
N GLY A 61 -6.33 19.61 -14.37
CA GLY A 61 -7.29 18.96 -15.24
C GLY A 61 -6.81 18.71 -16.65
N GLN A 62 -5.51 18.68 -16.89
CA GLN A 62 -4.98 18.39 -18.22
C GLN A 62 -4.60 16.92 -18.31
N PHE A 63 -4.87 16.32 -19.45
CA PHE A 63 -4.48 14.92 -19.69
C PHE A 63 -2.97 14.79 -19.86
N ASN A 64 -2.41 13.71 -19.32
CA ASN A 64 -0.97 13.47 -19.32
C ASN A 64 -0.65 12.32 -20.29
N LYS A 65 -0.39 12.69 -21.55
CA LYS A 65 -0.06 11.68 -22.56
C LYS A 65 1.21 10.90 -22.20
N GLN A 66 2.14 11.49 -21.47
CA GLN A 66 3.35 10.75 -21.11
C GLN A 66 3.03 9.59 -20.17
N ALA A 67 2.09 9.80 -19.24
CA ALA A 67 1.70 8.72 -18.35
C ALA A 67 1.07 7.57 -19.13
N LEU A 68 0.19 7.88 -20.08
CA LEU A 68 -0.42 6.83 -20.90
C LEU A 68 0.65 6.04 -21.66
N LEU A 69 1.54 6.74 -22.36
CA LEU A 69 2.57 6.03 -23.14
C LEU A 69 3.48 5.20 -22.24
N LYS A 70 3.78 5.69 -21.04
CA LYS A 70 4.55 4.89 -20.08
C LYS A 70 3.85 3.57 -19.79
N ASP A 71 2.52 3.61 -19.61
CA ASP A 71 1.80 2.36 -19.34
C ASP A 71 1.89 1.42 -20.53
N TYR A 72 1.74 1.96 -21.75
CA TYR A 72 1.92 1.12 -22.94
C TYR A 72 3.31 0.48 -22.95
N HIS A 73 4.35 1.29 -22.70
CA HIS A 73 5.70 0.74 -22.71
C HIS A 73 5.88 -0.32 -21.63
N GLN A 74 5.40 -0.05 -20.42
CA GLN A 74 5.51 -1.01 -19.33
C GLN A 74 4.69 -2.28 -19.58
N ALA A 75 3.66 -2.20 -20.42
CA ALA A 75 2.95 -3.41 -20.82
C ALA A 75 3.62 -4.12 -22.00
N GLY A 76 4.76 -3.63 -22.47
CA GLY A 76 5.48 -4.26 -23.56
C GLY A 76 5.14 -3.75 -24.95
N PHE A 77 4.33 -2.69 -25.05
CA PHE A 77 3.99 -2.06 -26.33
C PHE A 77 4.85 -0.81 -26.51
N LYS A 78 6.00 -0.95 -27.17
CA LYS A 78 6.92 0.17 -27.30
C LYS A 78 6.95 0.81 -28.69
N ASN A 79 6.28 0.23 -29.68
CA ASN A 79 6.42 0.70 -31.05
C ASN A 79 5.08 1.14 -31.62
N LYS A 80 4.24 1.73 -30.76
CA LYS A 80 2.87 2.06 -31.07
C LYS A 80 2.51 3.49 -30.69
N ASP A 81 3.50 4.31 -30.31
CA ASP A 81 3.20 5.60 -29.69
C ASP A 81 2.37 6.48 -30.62
N LYS A 82 2.71 6.53 -31.90
CA LYS A 82 1.96 7.36 -32.84
C LYS A 82 0.50 6.94 -32.91
N ALA A 83 0.25 5.64 -33.09
CA ALA A 83 -1.13 5.16 -33.19
C ALA A 83 -1.92 5.46 -31.93
N VAL A 84 -1.29 5.40 -30.77
CA VAL A 84 -1.99 5.63 -29.52
C VAL A 84 -2.39 7.10 -29.39
N LEU A 85 -1.45 8.01 -29.68
CA LEU A 85 -1.72 9.43 -29.53
C LEU A 85 -2.68 9.95 -30.59
N GLU A 86 -2.64 9.38 -31.79
CA GLU A 86 -3.56 9.81 -32.84
C GLU A 86 -4.96 9.28 -32.58
N SER A 87 -5.07 8.09 -32.00
CA SER A 87 -6.38 7.58 -31.59
C SER A 87 -7.00 8.49 -30.54
N TYR A 88 -6.22 8.86 -29.52
CA TYR A 88 -6.72 9.77 -28.49
C TYR A 88 -7.08 11.12 -29.08
N ASP A 89 -6.16 11.71 -29.87
CA ASP A 89 -6.37 13.08 -30.37
C ASP A 89 -7.56 13.16 -31.32
N GLY A 90 -7.70 12.20 -32.22
CA GLY A 90 -8.87 12.21 -33.09
C GLY A 90 -10.16 12.10 -32.30
N CYS A 91 -10.17 11.22 -31.31
CA CYS A 91 -11.37 11.05 -30.48
C CYS A 91 -11.69 12.31 -29.69
N MET A 92 -10.68 13.09 -29.31
CA MET A 92 -10.86 14.30 -28.51
C MET A 92 -10.93 15.58 -29.35
N LYS A 93 -11.15 15.47 -30.66
CA LYS A 93 -10.92 16.63 -31.52
C LYS A 93 -11.88 17.78 -31.21
N ASN A 94 -13.07 17.50 -30.69
CA ASN A 94 -14.02 18.58 -30.39
C ASN A 94 -13.89 19.09 -28.97
N TYR A 95 -12.86 18.72 -28.24
CA TYR A 95 -12.75 19.06 -26.84
C TYR A 95 -11.52 19.92 -26.59
N GLY A 96 -11.61 20.76 -25.55
CA GLY A 96 -10.57 21.71 -25.24
C GLY A 96 -9.53 21.17 -24.28
N PRO A 97 -8.71 22.05 -23.73
CA PRO A 97 -7.53 21.57 -22.96
C PRO A 97 -7.89 20.93 -21.63
N THR A 98 -9.09 21.12 -21.08
CA THR A 98 -9.47 20.52 -19.79
C THR A 98 -10.78 19.77 -19.93
N PRO A 99 -10.75 18.59 -20.56
CA PRO A 99 -11.96 17.80 -20.75
C PRO A 99 -12.35 16.99 -19.52
N ASN A 100 -13.62 16.64 -19.45
CA ASN A 100 -14.12 15.84 -18.33
C ASN A 100 -13.59 14.41 -18.38
N ALA A 101 -13.50 13.79 -17.20
CA ALA A 101 -12.80 12.52 -17.07
C ALA A 101 -13.50 11.38 -17.81
N MET A 102 -14.84 11.39 -17.85
CA MET A 102 -15.55 10.36 -18.61
C MET A 102 -15.22 10.43 -20.10
N LYS A 103 -15.04 11.63 -20.65
CA LYS A 103 -14.69 11.72 -22.06
C LYS A 103 -13.27 11.25 -22.30
N ILE A 104 -12.35 11.57 -21.38
CA ILE A 104 -10.98 11.05 -21.49
C ILE A 104 -11.01 9.52 -21.50
N LEU A 105 -11.78 8.92 -20.58
CA LEU A 105 -11.94 7.47 -20.54
C LEU A 105 -12.46 6.93 -21.86
N ASP A 106 -13.50 7.56 -22.41
CA ASP A 106 -14.07 7.09 -23.66
C ASP A 106 -13.01 7.10 -24.76
N CYS A 107 -12.13 8.10 -24.75
CA CYS A 107 -11.15 8.22 -25.82
C CYS A 107 -9.94 7.29 -25.61
N VAL A 108 -9.45 7.14 -24.38
CA VAL A 108 -8.31 6.25 -24.17
C VAL A 108 -8.69 4.79 -24.36
N THR A 109 -9.96 4.43 -24.19
CA THR A 109 -10.35 3.04 -24.36
C THR A 109 -10.67 2.69 -25.80
N LYS A 110 -10.53 3.62 -26.75
CA LYS A 110 -10.77 3.24 -28.14
C LYS A 110 -9.65 2.39 -28.71
N ASP A 111 -8.40 2.65 -28.32
CA ASP A 111 -7.30 1.80 -28.78
C ASP A 111 -7.52 0.37 -28.28
N LYS A 112 -7.41 -0.60 -29.19
CA LYS A 112 -7.74 -1.97 -28.85
C LYS A 112 -6.83 -2.54 -27.78
N ASP A 113 -5.63 -1.99 -27.60
CA ASP A 113 -4.73 -2.55 -26.61
C ASP A 113 -4.87 -1.91 -25.23
N PHE A 114 -5.67 -0.85 -25.07
CA PHE A 114 -5.71 -0.21 -23.76
C PHE A 114 -6.12 -1.16 -22.64
N PRO A 115 -7.11 -2.04 -22.79
CA PRO A 115 -7.44 -2.92 -21.66
C PRO A 115 -6.27 -3.78 -21.22
N LYS A 116 -5.53 -4.36 -22.18
CA LYS A 116 -4.36 -5.16 -21.81
C LYS A 116 -3.34 -4.32 -21.05
N VAL A 117 -3.10 -3.09 -21.54
CA VAL A 117 -2.13 -2.21 -20.94
C VAL A 117 -2.49 -1.90 -19.49
N ILE A 118 -3.74 -1.51 -19.25
CA ILE A 118 -4.12 -1.12 -17.90
C ILE A 118 -4.24 -2.36 -17.00
N ASN A 119 -4.57 -3.52 -17.59
CA ASN A 119 -4.54 -4.76 -16.83
C ASN A 119 -3.13 -5.13 -16.40
N ALA A 120 -2.14 -4.92 -17.27
CA ALA A 120 -0.76 -5.14 -16.85
C ALA A 120 -0.34 -4.15 -15.77
N ARG A 121 -0.85 -2.92 -15.82
CA ARG A 121 -0.52 -1.97 -14.77
C ARG A 121 -1.08 -2.44 -13.43
N ARG A 122 -2.31 -2.97 -13.44
CA ARG A 122 -2.86 -3.51 -12.21
C ARG A 122 -2.06 -4.70 -11.71
N GLU A 123 -1.53 -5.52 -12.63
CA GLU A 123 -0.72 -6.67 -12.19
C GLU A 123 0.52 -6.22 -11.42
N ARG A 124 1.10 -5.06 -11.75
CA ARG A 124 2.27 -4.58 -11.01
C ARG A 124 1.90 -3.61 -9.89
N ASN A 125 0.61 -3.47 -9.55
CA ASN A 125 0.15 -2.67 -8.41
C ASN A 125 -0.75 -3.58 -7.56
N SER A 126 -0.13 -4.48 -6.80
CA SER A 126 -0.92 -5.49 -6.07
C SER A 126 -1.92 -4.85 -5.10
N ASP A 127 -1.62 -3.65 -4.59
CA ASP A 127 -2.59 -2.95 -3.75
C ASP A 127 -3.88 -2.63 -4.51
N TRP A 128 -3.83 -2.54 -5.83
CA TRP A 128 -5.00 -2.21 -6.64
C TRP A 128 -5.82 -3.42 -7.03
N LYS A 129 -5.42 -4.62 -6.61
CA LYS A 129 -6.24 -5.81 -6.84
C LYS A 129 -7.07 -6.07 -5.59
N PRO A 130 -8.39 -6.16 -5.70
CA PRO A 130 -9.19 -6.48 -4.50
C PRO A 130 -9.06 -7.96 -4.16
N ASP A 131 -9.03 -8.25 -2.86
CA ASP A 131 -8.98 -9.63 -2.41
C ASP A 131 -10.38 -10.25 -2.54
N TRP A 132 -10.51 -11.49 -2.06
CA TRP A 132 -11.77 -12.22 -2.18
C TRP A 132 -12.91 -11.49 -1.49
N ILE A 133 -12.63 -10.77 -0.40
CA ILE A 133 -13.69 -10.17 0.39
C ILE A 133 -14.17 -8.86 -0.22
N GLN A 134 -13.25 -8.04 -0.73
CA GLN A 134 -13.61 -6.72 -1.23
C GLN A 134 -14.08 -6.70 -2.67
N ALA A 135 -13.85 -7.77 -3.42
CA ALA A 135 -14.13 -7.72 -4.86
C ALA A 135 -15.62 -7.75 -5.13
N TYR A 136 -16.05 -6.91 -6.09
CA TYR A 136 -17.43 -6.88 -6.52
C TYR A 136 -17.70 -7.71 -7.78
N CYS A 137 -16.67 -8.02 -8.55
CA CYS A 137 -16.84 -8.63 -9.86
C CYS A 137 -16.82 -10.16 -9.81
N GLY A 138 -16.74 -10.76 -8.62
CA GLY A 138 -16.76 -12.21 -8.51
C GLY A 138 -18.09 -12.79 -8.06
N ARG B 1 4.26 -19.57 -6.76
CA ARG B 1 4.62 -18.99 -5.47
C ARG B 1 4.33 -19.96 -4.31
N PHE B 2 3.50 -20.97 -4.57
CA PHE B 2 3.08 -21.93 -3.55
C PHE B 2 4.08 -23.05 -3.34
N THR B 3 4.71 -23.54 -4.42
CA THR B 3 5.70 -24.61 -4.35
C THR B 3 6.79 -24.30 -5.36
N PRO B 4 8.07 -24.42 -4.99
CA PRO B 4 9.16 -24.12 -5.93
C PRO B 4 9.06 -24.86 -7.25
N LEU B 5 9.71 -24.28 -8.26
CA LEU B 5 9.71 -24.82 -9.61
C LEU B 5 10.65 -26.02 -9.74
N GLY B 6 11.68 -26.12 -8.91
CA GLY B 6 12.67 -27.17 -9.07
C GLY B 6 13.66 -26.93 -10.19
N ILE B 7 13.95 -25.67 -10.53
CA ILE B 7 15.00 -25.36 -11.49
C ILE B 7 16.34 -25.40 -10.79
N ASP B 8 17.37 -25.89 -11.48
CA ASP B 8 18.69 -26.01 -10.88
C ASP B 8 19.41 -24.65 -10.87
N GLU B 9 20.52 -24.61 -10.14
CA GLU B 9 21.28 -23.37 -9.95
C GLU B 9 22.14 -23.08 -11.17
N PHE B 10 21.91 -21.93 -11.81
CA PHE B 10 22.68 -21.51 -12.98
C PHE B 10 23.78 -20.56 -12.58
N TYR B 11 24.99 -20.84 -13.05
CA TYR B 11 26.15 -19.98 -12.83
C TYR B 11 26.56 -19.46 -14.20
N ILE B 12 26.06 -18.28 -14.54
CA ILE B 12 26.31 -17.68 -15.85
C ILE B 12 27.18 -16.45 -15.60
N LYS B 13 28.48 -16.62 -15.80
CA LYS B 13 29.47 -15.64 -15.34
C LYS B 13 29.14 -14.19 -15.73
N PRO B 14 28.81 -13.87 -16.98
CA PRO B 14 28.50 -12.46 -17.29
C PRO B 14 27.32 -11.89 -16.48
N CYS B 15 26.32 -12.70 -16.17
CA CYS B 15 25.15 -12.19 -15.46
C CYS B 15 25.37 -12.04 -13.95
N GLU B 16 26.43 -12.64 -13.41
CA GLU B 16 26.77 -12.45 -12.00
C GLU B 16 26.97 -10.97 -11.66
N ARG B 17 27.44 -10.16 -12.61
CA ARG B 17 27.58 -8.74 -12.32
C ARG B 17 26.24 -8.04 -12.11
N LYS B 18 25.13 -8.66 -12.51
CA LYS B 18 23.82 -8.08 -12.23
C LYS B 18 23.34 -8.35 -10.82
N ILE B 19 23.99 -9.25 -10.09
CA ILE B 19 23.68 -9.50 -8.69
C ILE B 19 24.51 -8.52 -7.87
N VAL B 20 23.91 -7.38 -7.56
CA VAL B 20 24.60 -6.28 -6.88
C VAL B 20 24.08 -6.10 -5.46
N TYR B 21 22.79 -5.83 -5.30
CA TYR B 21 22.25 -5.53 -3.98
C TYR B 21 21.88 -6.79 -3.20
N THR B 22 21.70 -7.93 -3.87
CA THR B 22 21.31 -9.16 -3.21
C THR B 22 22.55 -9.85 -2.67
N THR B 23 22.69 -9.87 -1.35
CA THR B 23 23.85 -10.47 -0.72
C THR B 23 23.53 -11.70 0.09
N ASP B 24 22.29 -11.85 0.56
CA ASP B 24 21.93 -13.03 1.31
C ASP B 24 22.02 -14.28 0.45
N LYS B 25 22.59 -15.34 1.04
CA LYS B 25 22.90 -16.53 0.24
C LYS B 25 21.62 -17.22 -0.25
N HIS B 26 20.59 -17.27 0.59
CA HIS B 26 19.30 -17.83 0.16
C HIS B 26 18.73 -17.05 -1.02
N ASP B 27 18.72 -15.72 -0.90
CA ASP B 27 18.12 -14.89 -1.94
C ASP B 27 18.89 -15.01 -3.25
N LYS B 28 20.23 -15.07 -3.18
CA LYS B 28 21.02 -15.24 -4.39
C LYS B 28 20.80 -16.61 -5.02
N CYS B 29 20.60 -17.63 -4.19
CA CYS B 29 20.26 -18.95 -4.72
C CYS B 29 18.95 -18.90 -5.50
N LEU B 30 17.93 -18.24 -4.95
CA LEU B 30 16.66 -18.14 -5.64
C LEU B 30 16.81 -17.40 -6.97
N MET B 31 17.71 -16.42 -7.03
CA MET B 31 18.04 -15.74 -8.28
C MET B 31 18.61 -16.74 -9.29
N ARG B 32 19.69 -17.43 -8.91
CA ARG B 32 20.37 -18.33 -9.83
C ARG B 32 19.47 -19.49 -10.25
N ARG B 33 18.50 -19.86 -9.41
CA ARG B 33 17.57 -20.94 -9.73
C ARG B 33 16.35 -20.45 -10.49
N LEU B 34 16.31 -19.17 -10.86
CA LEU B 34 15.19 -18.57 -11.58
C LEU B 34 13.87 -18.81 -10.85
N GLU B 35 13.93 -18.83 -9.52
CA GLU B 35 12.76 -18.99 -8.68
C GLU B 35 12.24 -17.65 -8.18
N ILE B 36 12.98 -16.57 -8.41
CA ILE B 36 12.56 -15.26 -7.99
C ILE B 36 11.27 -14.87 -8.69
N GLU B 37 10.49 -14.00 -8.05
CA GLU B 37 9.22 -13.58 -8.62
C GLU B 37 9.05 -12.08 -8.52
N MET B 38 9.68 -11.46 -7.52
CA MET B 38 9.46 -10.05 -7.23
C MET B 38 10.04 -9.19 -8.35
N ASP B 39 9.23 -8.24 -8.84
CA ASP B 39 9.62 -7.34 -9.92
C ASP B 39 10.47 -6.21 -9.33
N THR B 40 11.76 -6.49 -9.19
CA THR B 40 12.71 -5.48 -8.74
C THR B 40 13.68 -5.15 -9.87
N GLY B 41 14.35 -4.00 -9.73
CA GLY B 41 15.36 -3.62 -10.70
C GLY B 41 16.41 -4.70 -10.87
N GLU B 42 16.93 -5.21 -9.75
CA GLU B 42 18.02 -6.18 -9.82
C GLU B 42 17.56 -7.49 -10.44
N ASN B 43 16.37 -7.98 -10.06
CA ASN B 43 15.88 -9.22 -10.64
C ASN B 43 15.66 -9.08 -12.14
N GLN B 44 15.09 -7.94 -12.57
CA GLN B 44 14.86 -7.70 -13.99
C GLN B 44 16.15 -7.79 -14.78
N GLY B 45 17.19 -7.09 -14.33
CA GLY B 45 18.45 -7.08 -15.07
C GLY B 45 19.12 -8.43 -15.08
N TYR B 46 19.02 -9.18 -13.98
CA TYR B 46 19.62 -10.51 -13.94
C TYR B 46 18.93 -11.47 -14.91
N VAL B 47 17.60 -11.58 -14.80
CA VAL B 47 16.86 -12.49 -15.66
C VAL B 47 16.98 -12.09 -17.12
N LYS B 48 16.97 -10.77 -17.39
CA LYS B 48 17.21 -10.29 -18.74
C LYS B 48 18.57 -10.77 -19.25
N CYS B 49 19.61 -10.67 -18.42
CA CYS B 49 20.92 -11.15 -18.83
C CYS B 49 20.89 -12.65 -19.11
N VAL B 50 20.26 -13.41 -18.21
CA VAL B 50 20.21 -14.87 -18.35
C VAL B 50 19.46 -15.26 -19.62
N PHE B 51 18.32 -14.61 -19.88
CA PHE B 51 17.54 -14.95 -21.06
C PHE B 51 18.28 -14.57 -22.35
N LYS B 52 19.11 -13.53 -22.32
CA LYS B 52 19.96 -13.28 -23.49
C LYS B 52 20.98 -14.38 -23.67
N GLU B 53 21.55 -14.89 -22.56
CA GLU B 53 22.46 -16.03 -22.68
C GLU B 53 21.76 -17.26 -23.22
N PHE B 54 20.52 -17.50 -22.77
CA PHE B 54 19.72 -18.62 -23.26
C PHE B 54 19.33 -18.46 -24.73
N GLY B 55 19.48 -17.27 -25.30
CA GLY B 55 18.95 -17.00 -26.62
C GLY B 55 17.45 -16.81 -26.66
N TYR B 56 16.80 -16.67 -25.50
CA TYR B 56 15.36 -16.45 -25.42
C TYR B 56 14.96 -15.01 -25.68
N LEU B 57 15.90 -14.08 -25.51
CA LEU B 57 15.61 -12.65 -25.60
C LEU B 57 16.67 -12.03 -26.50
N ASN B 58 16.25 -11.42 -27.61
CA ASN B 58 17.20 -10.84 -28.54
C ASN B 58 17.54 -9.41 -28.12
N GLY B 59 18.48 -8.81 -28.84
CA GLY B 59 18.92 -7.46 -28.55
C GLY B 59 17.86 -6.39 -28.75
N GLU B 60 16.68 -6.74 -29.25
CA GLU B 60 15.60 -5.79 -29.42
C GLU B 60 14.41 -6.10 -28.52
N GLY B 61 14.61 -6.97 -27.52
CA GLY B 61 13.63 -7.17 -26.47
C GLY B 61 12.50 -8.12 -26.80
N GLN B 62 12.55 -8.82 -27.92
CA GLN B 62 11.49 -9.75 -28.29
C GLN B 62 11.81 -11.14 -27.76
N PHE B 63 10.78 -11.83 -27.28
CA PHE B 63 10.95 -13.22 -26.87
C PHE B 63 11.08 -14.10 -28.10
N ASN B 64 11.91 -15.14 -28.01
CA ASN B 64 12.20 -16.03 -29.12
C ASN B 64 11.58 -17.39 -28.85
N LYS B 65 10.37 -17.60 -29.39
CA LYS B 65 9.66 -18.87 -29.20
C LYS B 65 10.42 -20.04 -29.81
N GLN B 66 11.11 -19.81 -30.93
CA GLN B 66 11.87 -20.88 -31.55
C GLN B 66 12.98 -21.37 -30.62
N ALA B 67 13.65 -20.46 -29.93
CA ALA B 67 14.70 -20.87 -29.01
C ALA B 67 14.13 -21.69 -27.84
N LEU B 68 12.93 -21.33 -27.37
CA LEU B 68 12.32 -22.09 -26.29
C LEU B 68 11.97 -23.50 -26.75
N LEU B 69 11.29 -23.60 -27.90
CA LEU B 69 10.95 -24.90 -28.44
C LEU B 69 12.19 -25.74 -28.75
N LYS B 70 13.28 -25.09 -29.14
CA LYS B 70 14.50 -25.86 -29.38
C LYS B 70 15.01 -26.53 -28.11
N ASP B 71 14.96 -25.82 -26.97
CA ASP B 71 15.40 -26.44 -25.73
C ASP B 71 14.50 -27.62 -25.35
N TYR B 72 13.19 -27.50 -25.61
CA TYR B 72 12.28 -28.60 -25.34
C TYR B 72 12.68 -29.84 -26.14
N HIS B 73 12.92 -29.68 -27.43
CA HIS B 73 13.24 -30.84 -28.27
C HIS B 73 14.58 -31.43 -27.88
N GLN B 74 15.55 -30.59 -27.52
CA GLN B 74 16.84 -31.08 -27.09
C GLN B 74 16.73 -31.88 -25.80
N ALA B 75 15.69 -31.63 -25.00
CA ALA B 75 15.47 -32.40 -23.78
C ALA B 75 14.56 -33.59 -24.01
N GLY B 76 14.18 -33.87 -25.25
CA GLY B 76 13.36 -35.02 -25.58
C GLY B 76 11.87 -34.79 -25.55
N PHE B 77 11.41 -33.54 -25.42
CA PHE B 77 9.99 -33.21 -25.48
C PHE B 77 9.73 -32.63 -26.88
N LYS B 78 9.39 -33.50 -27.81
CA LYS B 78 9.23 -33.12 -29.22
C LYS B 78 7.77 -33.02 -29.65
N ASN B 79 6.83 -33.55 -28.88
CA ASN B 79 5.44 -33.65 -29.27
C ASN B 79 4.54 -32.75 -28.42
N LYS B 80 5.07 -31.60 -27.98
CA LYS B 80 4.43 -30.72 -27.02
C LYS B 80 4.34 -29.27 -27.52
N ASP B 81 4.67 -28.98 -28.78
CA ASP B 81 4.82 -27.60 -29.22
C ASP B 81 3.55 -26.78 -28.96
N LYS B 82 2.40 -27.30 -29.39
CA LYS B 82 1.14 -26.58 -29.23
C LYS B 82 0.92 -26.18 -27.78
N ALA B 83 1.05 -27.14 -26.86
CA ALA B 83 0.80 -26.86 -25.45
C ALA B 83 1.77 -25.82 -24.90
N VAL B 84 3.04 -25.88 -25.30
CA VAL B 84 4.02 -24.92 -24.80
C VAL B 84 3.67 -23.50 -25.21
N LEU B 85 3.31 -23.33 -26.48
CA LEU B 85 2.99 -21.99 -26.99
C LEU B 85 1.66 -21.48 -26.44
N GLU B 86 0.64 -22.35 -26.39
CA GLU B 86 -0.65 -21.94 -25.84
C GLU B 86 -0.51 -21.48 -24.39
N SER B 87 0.28 -22.21 -23.60
CA SER B 87 0.54 -21.82 -22.22
C SER B 87 1.22 -20.46 -22.15
N TYR B 88 2.21 -20.22 -22.99
CA TYR B 88 2.91 -18.94 -22.98
C TYR B 88 2.01 -17.80 -23.46
N ASP B 89 1.38 -17.97 -24.62
CA ASP B 89 0.52 -16.93 -25.17
C ASP B 89 -0.60 -16.55 -24.21
N GLY B 90 -1.27 -17.56 -23.61
CA GLY B 90 -2.33 -17.24 -22.67
C GLY B 90 -1.81 -16.45 -21.48
N CYS B 91 -0.67 -16.87 -20.93
CA CYS B 91 -0.11 -16.16 -19.79
C CYS B 91 0.28 -14.73 -20.14
N MET B 92 0.60 -14.46 -21.40
CA MET B 92 1.14 -13.18 -21.83
C MET B 92 0.08 -12.28 -22.47
N LYS B 93 -1.21 -12.56 -22.22
CA LYS B 93 -2.28 -11.93 -23.00
C LYS B 93 -2.33 -10.42 -22.85
N ASN B 94 -1.94 -9.88 -21.69
CA ASN B 94 -1.98 -8.44 -21.47
C ASN B 94 -0.69 -7.74 -21.90
N TYR B 95 0.25 -8.45 -22.53
CA TYR B 95 1.55 -7.86 -22.85
C TYR B 95 1.73 -7.75 -24.36
N GLY B 96 2.52 -6.75 -24.76
CA GLY B 96 2.86 -6.52 -26.14
C GLY B 96 4.14 -7.23 -26.54
N PRO B 97 4.67 -6.89 -27.71
CA PRO B 97 5.79 -7.68 -28.28
C PRO B 97 7.12 -7.55 -27.54
N THR B 98 7.31 -6.56 -26.66
CA THR B 98 8.58 -6.41 -25.95
C THR B 98 8.34 -6.34 -24.44
N PRO B 99 7.94 -7.45 -23.84
CA PRO B 99 7.62 -7.45 -22.42
C PRO B 99 8.85 -7.63 -21.53
N ASN B 100 8.71 -7.18 -20.29
CA ASN B 100 9.81 -7.24 -19.34
C ASN B 100 10.20 -8.67 -19.02
N ALA B 101 11.50 -8.86 -18.75
CA ALA B 101 12.06 -10.19 -18.59
C ALA B 101 11.38 -10.96 -17.46
N MET B 102 11.00 -10.28 -16.38
CA MET B 102 10.41 -10.98 -15.24
C MET B 102 9.06 -11.59 -15.61
N LYS B 103 8.29 -10.89 -16.44
CA LYS B 103 7.01 -11.44 -16.89
C LYS B 103 7.23 -12.59 -17.87
N ILE B 104 8.26 -12.51 -18.72
CA ILE B 104 8.59 -13.63 -19.58
C ILE B 104 8.91 -14.87 -18.73
N LEU B 105 9.69 -14.70 -17.67
CA LEU B 105 10.00 -15.81 -16.77
C LEU B 105 8.74 -16.37 -16.11
N ASP B 106 7.86 -15.49 -15.64
CA ASP B 106 6.60 -15.92 -15.03
C ASP B 106 5.83 -16.81 -16.00
N CYS B 107 5.86 -16.50 -17.28
CA CYS B 107 5.05 -17.25 -18.22
C CYS B 107 5.75 -18.52 -18.74
N VAL B 108 7.05 -18.50 -18.99
CA VAL B 108 7.68 -19.73 -19.49
C VAL B 108 7.68 -20.81 -18.41
N THR B 109 7.62 -20.44 -17.14
CA THR B 109 7.64 -21.43 -16.07
C THR B 109 6.26 -21.96 -15.74
N LYS B 110 5.22 -21.48 -16.42
CA LYS B 110 3.90 -22.05 -16.15
C LYS B 110 3.74 -23.45 -16.74
N ASP B 111 4.41 -23.78 -17.85
CA ASP B 111 4.35 -25.14 -18.36
C ASP B 111 5.10 -26.10 -17.43
N LYS B 112 4.47 -27.23 -17.11
CA LYS B 112 4.98 -28.11 -16.07
C LYS B 112 6.32 -28.74 -16.42
N ASP B 113 6.70 -28.75 -17.70
CA ASP B 113 7.93 -29.37 -18.14
C ASP B 113 9.10 -28.41 -18.29
N PHE B 114 8.87 -27.10 -18.19
CA PHE B 114 9.97 -26.16 -18.37
C PHE B 114 11.13 -26.39 -17.41
N PRO B 115 10.92 -26.63 -16.10
CA PRO B 115 12.09 -26.92 -15.24
C PRO B 115 12.93 -28.08 -15.72
N LYS B 116 12.31 -29.21 -16.10
CA LYS B 116 13.09 -30.31 -16.68
C LYS B 116 13.87 -29.85 -17.90
N VAL B 117 13.20 -29.16 -18.81
CA VAL B 117 13.83 -28.74 -20.07
C VAL B 117 15.03 -27.85 -19.79
N ILE B 118 14.89 -26.89 -18.88
CA ILE B 118 16.02 -25.98 -18.65
C ILE B 118 17.09 -26.63 -17.77
N ASN B 119 16.71 -27.57 -16.89
CA ASN B 119 17.74 -28.29 -16.16
C ASN B 119 18.54 -29.21 -17.09
N ALA B 120 17.87 -29.85 -18.05
CA ALA B 120 18.58 -30.64 -19.03
C ALA B 120 19.59 -29.77 -19.79
N ARG B 121 19.20 -28.55 -20.14
CA ARG B 121 20.15 -27.67 -20.81
C ARG B 121 21.34 -27.34 -19.92
N ARG B 122 21.10 -27.08 -18.64
CA ARG B 122 22.23 -26.88 -17.73
C ARG B 122 23.13 -28.10 -17.68
N GLU B 123 22.54 -29.30 -17.79
CA GLU B 123 23.36 -30.51 -17.85
C GLU B 123 24.34 -30.43 -19.00
N ARG B 124 23.89 -29.93 -20.15
CA ARG B 124 24.70 -29.87 -21.36
C ARG B 124 25.68 -28.70 -21.38
N ASN B 125 25.64 -27.80 -20.40
CA ASN B 125 26.49 -26.61 -20.35
C ASN B 125 27.27 -26.61 -19.03
N SER B 126 28.38 -27.33 -19.01
CA SER B 126 29.12 -27.50 -17.75
C SER B 126 29.60 -26.17 -17.18
N ASP B 127 29.88 -25.18 -18.03
CA ASP B 127 30.28 -23.87 -17.53
C ASP B 127 29.18 -23.24 -16.65
N TRP B 128 27.92 -23.62 -16.86
CA TRP B 128 26.81 -23.05 -16.13
C TRP B 128 26.55 -23.75 -14.80
N LYS B 129 27.39 -24.71 -14.43
CA LYS B 129 27.26 -25.41 -13.17
C LYS B 129 28.23 -24.82 -12.17
N PRO B 130 27.75 -24.26 -11.06
CA PRO B 130 28.68 -23.69 -10.08
C PRO B 130 29.49 -24.80 -9.42
N ASP B 131 30.76 -24.51 -9.19
CA ASP B 131 31.59 -25.37 -8.36
C ASP B 131 30.98 -25.47 -6.97
N TRP B 132 31.34 -26.53 -6.25
CA TRP B 132 30.81 -26.74 -4.91
C TRP B 132 31.05 -25.52 -4.04
N ILE B 133 32.20 -24.88 -4.21
CA ILE B 133 32.53 -23.73 -3.38
C ILE B 133 31.83 -22.47 -3.86
N GLN B 134 31.39 -22.41 -5.12
CA GLN B 134 30.65 -21.25 -5.60
C GLN B 134 29.15 -21.36 -5.45
N ALA B 135 28.62 -22.58 -5.26
CA ALA B 135 27.19 -22.80 -5.27
C ALA B 135 26.52 -22.17 -4.05
N TYR B 136 25.37 -21.54 -4.30
CA TYR B 136 24.54 -21.01 -3.22
C TYR B 136 23.44 -21.96 -2.79
N CYS B 137 23.12 -22.98 -3.58
CA CYS B 137 21.94 -23.82 -3.34
C CYS B 137 22.27 -25.23 -2.89
N GLY B 138 23.55 -25.56 -2.71
CA GLY B 138 23.90 -26.95 -2.42
C GLY B 138 24.15 -27.74 -3.67
N VAL B 139 25.07 -28.70 -3.56
CA VAL B 139 25.42 -29.56 -4.68
C VAL B 139 25.22 -31.01 -4.28
N ARG C 1 8.83 30.99 21.08
CA ARG C 1 8.95 30.79 22.52
C ARG C 1 9.00 32.12 23.29
N PHE C 2 9.77 33.09 22.80
CA PHE C 2 9.82 34.39 23.47
C PHE C 2 8.46 35.08 23.42
N THR C 3 7.77 34.99 22.28
CA THR C 3 6.45 35.56 22.11
C THR C 3 5.65 34.61 21.23
N PRO C 4 4.32 34.59 21.37
CA PRO C 4 3.51 33.68 20.56
C PRO C 4 3.61 34.03 19.07
N LEU C 5 3.42 33.01 18.23
CA LEU C 5 3.36 33.22 16.79
C LEU C 5 2.20 34.15 16.41
N GLY C 6 1.10 34.09 17.15
CA GLY C 6 -0.10 34.84 16.80
C GLY C 6 -1.06 34.10 15.92
N ILE C 7 -0.96 32.78 15.86
CA ILE C 7 -1.97 32.00 15.15
C ILE C 7 -3.25 31.98 15.96
N ASP C 8 -4.38 32.15 15.27
CA ASP C 8 -5.68 32.14 15.91
C ASP C 8 -6.11 30.70 16.23
N GLU C 9 -7.23 30.58 16.93
CA GLU C 9 -7.70 29.29 17.44
C GLU C 9 -8.46 28.53 16.36
N PHE C 10 -7.95 27.35 15.96
CA PHE C 10 -8.62 26.54 14.95
C PHE C 10 -9.55 25.53 15.60
N TYR C 11 -10.80 25.53 15.17
CA TYR C 11 -11.79 24.54 15.58
C TYR C 11 -12.03 23.64 14.38
N ILE C 12 -11.30 22.54 14.33
CA ILE C 12 -11.36 21.59 13.22
C ILE C 12 -11.93 20.29 13.80
N LYS C 13 -13.23 20.08 13.57
CA LYS C 13 -13.97 19.04 14.29
C LYS C 13 -13.35 17.65 14.18
N PRO C 14 -12.95 17.15 13.00
CA PRO C 14 -12.38 15.79 12.95
C PRO C 14 -11.14 15.61 13.79
N CYS C 15 -10.38 16.67 14.05
CA CYS C 15 -9.14 16.56 14.80
C CYS C 15 -9.33 16.72 16.30
N GLU C 16 -10.54 17.07 16.73
CA GLU C 16 -10.79 17.25 18.15
C GLU C 16 -10.68 15.95 18.92
N ARG C 17 -10.93 14.81 18.26
CA ARG C 17 -10.75 13.52 18.91
C ARG C 17 -9.28 13.21 19.17
N LYS C 18 -8.36 13.99 18.61
CA LYS C 18 -6.94 13.81 18.90
C LYS C 18 -6.52 14.47 20.21
N ILE C 19 -7.35 15.35 20.76
CA ILE C 19 -7.08 16.01 22.04
C ILE C 19 -7.65 15.10 23.11
N VAL C 20 -6.81 14.22 23.64
CA VAL C 20 -7.24 13.19 24.59
C VAL C 20 -6.73 13.47 25.99
N TYR C 21 -5.40 13.50 26.16
CA TYR C 21 -4.80 13.66 27.48
C TYR C 21 -4.64 15.11 27.91
N THR C 22 -4.72 16.06 26.97
CA THR C 22 -4.67 17.48 27.32
C THR C 22 -6.07 17.94 27.72
N THR C 23 -6.25 18.28 28.99
CA THR C 23 -7.57 18.71 29.45
C THR C 23 -7.59 20.13 30.01
N ASP C 24 -6.44 20.71 30.32
CA ASP C 24 -6.41 22.09 30.79
C ASP C 24 -6.82 23.03 29.67
N LYS C 25 -7.68 24.01 30.00
CA LYS C 25 -8.23 24.89 28.97
C LYS C 25 -7.14 25.71 28.27
N HIS C 26 -6.19 26.24 29.04
CA HIS C 26 -5.08 26.97 28.43
C HIS C 26 -4.29 26.08 27.48
N ASP C 27 -3.94 24.88 27.91
CA ASP C 27 -3.12 24.00 27.09
C ASP C 27 -3.85 23.57 25.83
N LYS C 28 -5.15 23.28 25.93
CA LYS C 28 -5.91 22.94 24.73
C LYS C 28 -5.98 24.13 23.79
N CYS C 29 -6.08 25.34 24.34
CA CYS C 29 -6.05 26.53 23.51
C CYS C 29 -4.79 26.59 22.67
N LEU C 30 -3.64 26.25 23.28
CA LEU C 30 -2.37 26.35 22.55
C LEU C 30 -2.24 25.27 21.49
N MET C 31 -2.82 24.09 21.70
CA MET C 31 -2.91 23.10 20.61
C MET C 31 -3.70 23.64 19.43
N ARG C 32 -4.89 24.19 19.70
CA ARG C 32 -5.75 24.68 18.62
C ARG C 32 -5.12 25.87 17.91
N ARG C 33 -4.29 26.63 18.59
CA ARG C 33 -3.60 27.76 17.99
C ARG C 33 -2.28 27.37 17.35
N LEU C 34 -1.95 26.07 17.33
CA LEU C 34 -0.72 25.60 16.70
C LEU C 34 0.49 26.32 17.28
N GLU C 35 0.38 26.74 18.54
CA GLU C 35 1.48 27.35 19.27
C GLU C 35 2.29 26.32 20.04
N ILE C 36 1.84 25.08 20.08
CA ILE C 36 2.57 24.00 20.75
C ILE C 36 3.88 23.73 20.01
N GLU C 37 4.88 23.27 20.76
CA GLU C 37 6.17 22.88 20.21
C GLU C 37 6.68 21.53 20.68
N MET C 38 6.15 20.98 21.79
CA MET C 38 6.64 19.70 22.31
C MET C 38 6.19 18.54 21.42
N ASP C 39 7.15 17.71 21.03
CA ASP C 39 6.87 16.57 20.15
C ASP C 39 6.39 15.40 21.02
N THR C 40 5.12 15.46 21.39
CA THR C 40 4.45 14.37 22.09
C THR C 40 3.57 13.62 21.12
N GLY C 41 3.22 12.39 21.50
CA GLY C 41 2.30 11.61 20.68
C GLY C 41 0.98 12.32 20.45
N GLU C 42 0.44 12.95 21.51
CA GLU C 42 -0.81 13.67 21.35
C GLU C 42 -0.65 14.86 20.42
N ASN C 43 0.38 15.68 20.64
CA ASN C 43 0.59 16.84 19.77
C ASN C 43 0.78 16.40 18.32
N GLN C 44 1.57 15.35 18.11
CA GLN C 44 1.83 14.89 16.75
C GLN C 44 0.55 14.43 16.07
N GLY C 45 -0.25 13.62 16.76
CA GLY C 45 -1.50 13.16 16.17
C GLY C 45 -2.46 14.29 15.81
N TYR C 46 -2.52 15.32 16.66
CA TYR C 46 -3.44 16.44 16.40
C TYR C 46 -2.96 17.28 15.23
N VAL C 47 -1.68 17.67 15.24
CA VAL C 47 -1.15 18.51 14.18
C VAL C 47 -1.16 17.78 12.85
N LYS C 48 -0.87 16.47 12.87
CA LYS C 48 -0.98 15.67 11.66
C LYS C 48 -2.39 15.75 11.10
N CYS C 49 -3.39 15.61 11.98
CA CYS C 49 -4.77 15.70 11.53
C CYS C 49 -5.06 17.08 10.92
N VAL C 50 -4.65 18.14 11.62
CA VAL C 50 -4.87 19.50 11.14
C VAL C 50 -4.22 19.70 9.78
N PHE C 51 -2.98 19.26 9.63
CA PHE C 51 -2.29 19.40 8.35
C PHE C 51 -2.99 18.64 7.24
N LYS C 52 -3.59 17.48 7.56
CA LYS C 52 -4.38 16.77 6.55
C LYS C 52 -5.61 17.58 6.16
N GLU C 53 -6.29 18.18 7.14
CA GLU C 53 -7.46 19.01 6.81
C GLU C 53 -7.05 20.26 6.04
N PHE C 54 -5.85 20.80 6.31
CA PHE C 54 -5.34 21.95 5.57
C PHE C 54 -5.01 21.59 4.13
N GLY C 55 -4.89 20.30 3.84
CA GLY C 55 -4.34 19.85 2.57
C GLY C 55 -2.83 19.87 2.51
N TYR C 56 -2.15 20.08 3.63
CA TYR C 56 -0.69 20.13 3.64
C TYR C 56 -0.04 18.76 3.72
N LEU C 57 -0.80 17.74 4.10
CA LEU C 57 -0.31 16.37 4.26
C LEU C 57 -1.27 15.47 3.52
N ASN C 58 -0.75 14.58 2.68
CA ASN C 58 -1.61 13.61 2.03
C ASN C 58 -1.64 12.32 2.84
N GLY C 59 -2.31 11.30 2.29
CA GLY C 59 -2.36 10.01 2.96
C GLY C 59 -1.04 9.28 2.96
N GLU C 60 -0.19 9.54 1.97
CA GLU C 60 1.16 9.01 1.94
C GLU C 60 2.10 9.71 2.91
N GLY C 61 1.62 10.72 3.63
CA GLY C 61 2.43 11.44 4.59
C GLY C 61 3.33 12.51 4.01
N GLN C 62 3.13 12.90 2.76
CA GLN C 62 4.01 13.84 2.09
C GLN C 62 3.51 15.27 2.23
N PHE C 63 4.44 16.21 2.48
CA PHE C 63 4.07 17.61 2.59
C PHE C 63 3.76 18.18 1.23
N ASN C 64 2.76 19.05 1.16
CA ASN C 64 2.24 19.58 -0.10
C ASN C 64 2.66 21.05 -0.20
N LYS C 65 3.81 21.29 -0.86
CA LYS C 65 4.27 22.67 -1.04
C LYS C 65 3.28 23.49 -1.85
N GLN C 66 2.61 22.88 -2.84
CA GLN C 66 1.61 23.61 -3.62
C GLN C 66 0.50 24.17 -2.74
N ALA C 67 0.00 23.36 -1.80
CA ALA C 67 -1.04 23.83 -0.89
C ALA C 67 -0.55 24.99 -0.04
N LEU C 68 0.69 24.91 0.45
CA LEU C 68 1.24 25.98 1.28
C LEU C 68 1.32 27.28 0.50
N LEU C 69 1.90 27.22 -0.71
CA LEU C 69 2.01 28.41 -1.55
C LEU C 69 0.63 28.94 -1.94
N LYS C 70 -0.33 28.05 -2.20
CA LYS C 70 -1.69 28.49 -2.48
C LYS C 70 -2.22 29.37 -1.34
N ASP C 71 -2.05 28.94 -0.09
CA ASP C 71 -2.49 29.77 1.03
C ASP C 71 -1.77 31.11 1.05
N TYR C 72 -0.45 31.12 0.78
CA TYR C 72 0.29 32.38 0.74
C TYR C 72 -0.31 33.32 -0.30
N HIS C 73 -0.56 32.80 -1.50
CA HIS C 73 -1.11 33.64 -2.57
C HIS C 73 -2.52 34.12 -2.23
N GLN C 74 -3.35 33.24 -1.64
CA GLN C 74 -4.70 33.65 -1.27
C GLN C 74 -4.69 34.73 -0.20
N ALA C 75 -3.65 34.78 0.63
CA ALA C 75 -3.49 35.81 1.63
C ALA C 75 -2.78 37.05 1.09
N GLY C 76 -2.60 37.15 -0.22
CA GLY C 76 -1.98 38.31 -0.82
C GLY C 76 -0.46 38.35 -0.77
N PHE C 77 0.18 37.23 -0.44
CA PHE C 77 1.64 37.11 -0.45
C PHE C 77 2.02 36.33 -1.71
N LYS C 78 2.25 37.05 -2.81
CA LYS C 78 2.44 36.42 -4.11
C LYS C 78 3.85 36.50 -4.65
N ASN C 79 4.74 37.23 -3.99
CA ASN C 79 6.06 37.51 -4.53
C ASN C 79 7.16 36.97 -3.62
N LYS C 80 6.85 35.90 -2.88
CA LYS C 80 7.66 35.38 -1.80
C LYS C 80 7.95 33.89 -1.94
N ASP C 81 7.56 33.27 -3.06
CA ASP C 81 7.57 31.81 -3.15
C ASP C 81 8.95 31.25 -2.87
N LYS C 82 9.98 31.87 -3.44
CA LYS C 82 11.34 31.35 -3.26
C LYS C 82 11.74 31.38 -1.80
N ALA C 83 11.47 32.50 -1.12
CA ALA C 83 11.86 32.62 0.29
C ALA C 83 11.09 31.62 1.16
N VAL C 84 9.80 31.42 0.89
CA VAL C 84 9.01 30.47 1.66
C VAL C 84 9.56 29.06 1.50
N LEU C 85 9.86 28.67 0.25
CA LEU C 85 10.38 27.33 -0.02
C LEU C 85 11.78 27.15 0.54
N GLU C 86 12.65 28.17 0.42
CA GLU C 86 14.00 28.06 0.97
C GLU C 86 13.99 27.98 2.50
N SER C 87 13.04 28.65 3.15
CA SER C 87 12.96 28.57 4.60
C SER C 87 12.55 27.19 5.05
N TYR C 88 11.53 26.61 4.40
CA TYR C 88 11.09 25.26 4.74
C TYR C 88 12.18 24.23 4.45
N ASP C 89 12.76 24.29 3.25
CA ASP C 89 13.72 23.28 2.82
C ASP C 89 14.97 23.29 3.70
N GLY C 90 15.50 24.47 4.00
CA GLY C 90 16.67 24.56 4.86
C GLY C 90 16.40 24.02 6.25
N CYS C 91 15.20 24.29 6.76
CA CYS C 91 14.79 23.78 8.07
C CYS C 91 14.66 22.26 8.06
N MET C 92 14.38 21.68 6.89
CA MET C 92 14.19 20.25 6.70
C MET C 92 15.45 19.50 6.26
N LYS C 93 16.59 20.20 6.10
CA LYS C 93 17.70 19.61 5.37
C LYS C 93 18.32 18.39 6.07
N ASN C 94 18.13 18.21 7.37
CA ASN C 94 18.76 17.09 8.07
C ASN C 94 17.76 16.01 8.44
N TYR C 95 16.57 16.03 7.86
CA TYR C 95 15.52 15.06 8.12
C TYR C 95 15.24 14.29 6.84
N GLY C 96 14.55 13.17 7.00
CA GLY C 96 14.23 12.33 5.87
C GLY C 96 13.18 12.95 4.97
N PRO C 97 12.87 12.27 3.88
CA PRO C 97 11.94 12.85 2.89
C PRO C 97 10.50 12.98 3.37
N THR C 98 10.05 12.25 4.40
CA THR C 98 8.67 12.34 4.87
C THR C 98 8.63 12.62 6.38
N PRO C 99 8.93 13.85 6.79
CA PRO C 99 9.02 14.17 8.22
C PRO C 99 7.67 14.16 8.93
N ASN C 100 7.75 14.02 10.26
CA ASN C 100 6.58 13.98 11.11
C ASN C 100 5.96 15.37 11.23
N ALA C 101 4.73 15.42 11.78
CA ALA C 101 3.91 16.62 11.71
C ALA C 101 4.48 17.75 12.57
N MET C 102 5.03 17.44 13.75
CA MET C 102 5.56 18.52 14.59
C MET C 102 6.80 19.15 13.99
N LYS C 103 7.61 18.37 13.26
CA LYS C 103 8.74 18.99 12.56
C LYS C 103 8.25 19.83 11.40
N ILE C 104 7.21 19.37 10.69
CA ILE C 104 6.63 20.19 9.62
C ILE C 104 6.15 21.52 10.18
N LEU C 105 5.44 21.47 11.30
CA LEU C 105 4.96 22.70 11.94
C LEU C 105 6.14 23.59 12.34
N ASP C 106 7.16 23.00 12.96
CA ASP C 106 8.35 23.75 13.32
C ASP C 106 8.92 24.48 12.10
N CYS C 107 8.92 23.83 10.93
CA CYS C 107 9.55 24.44 9.77
C CYS C 107 8.63 25.45 9.08
N VAL C 108 7.33 25.13 8.89
CA VAL C 108 6.48 26.11 8.21
C VAL C 108 6.34 27.37 9.04
N THR C 109 6.47 27.28 10.36
CA THR C 109 6.33 28.51 11.15
C THR C 109 7.60 29.34 11.21
N LYS C 110 8.68 28.96 10.52
CA LYS C 110 9.88 29.80 10.57
C LYS C 110 9.68 31.07 9.74
N ASP C 111 8.97 30.98 8.61
CA ASP C 111 8.74 32.17 7.80
C ASP C 111 7.81 33.13 8.55
N LYS C 112 8.16 34.41 8.56
CA LYS C 112 7.51 35.36 9.46
C LYS C 112 6.06 35.63 9.10
N ASP C 113 5.62 35.28 7.88
CA ASP C 113 4.26 35.56 7.46
C ASP C 113 3.33 34.37 7.59
N PHE C 114 3.81 33.19 7.94
CA PHE C 114 2.89 32.05 8.04
C PHE C 114 1.73 32.29 9.01
N PRO C 115 1.90 32.90 10.19
CA PRO C 115 0.71 33.14 11.03
C PRO C 115 -0.33 34.01 10.34
N LYS C 116 0.10 35.06 9.64
CA LYS C 116 -0.86 35.84 8.88
C LYS C 116 -1.56 34.98 7.83
N VAL C 117 -0.78 34.20 7.08
CA VAL C 117 -1.34 33.40 6.00
C VAL C 117 -2.42 32.45 6.52
N ILE C 118 -2.10 31.70 7.58
CA ILE C 118 -3.07 30.71 8.06
C ILE C 118 -4.23 31.38 8.77
N ASN C 119 -4.00 32.54 9.42
CA ASN C 119 -5.11 33.27 10.01
C ASN C 119 -6.08 33.75 8.95
N ALA C 120 -5.56 34.17 7.79
CA ALA C 120 -6.43 34.58 6.70
C ALA C 120 -7.23 33.40 6.16
N ARG C 121 -6.59 32.23 6.05
CA ARG C 121 -7.36 31.06 5.63
C ARG C 121 -8.43 30.71 6.65
N ARG C 122 -8.15 30.94 7.93
CA ARG C 122 -9.20 30.73 8.93
C ARG C 122 -10.33 31.74 8.75
N GLU C 123 -9.99 33.00 8.39
CA GLU C 123 -11.02 33.99 8.10
C GLU C 123 -11.97 33.48 7.03
N ARG C 124 -11.43 32.78 6.02
CA ARG C 124 -12.23 32.32 4.90
C ARG C 124 -12.97 31.01 5.18
N ASN C 125 -12.61 30.27 6.23
CA ASN C 125 -13.29 29.03 6.61
C ASN C 125 -13.97 29.27 7.95
N SER C 126 -15.20 29.78 7.93
CA SER C 126 -15.90 30.07 9.16
C SER C 126 -16.20 28.82 10.00
N ASP C 127 -16.26 27.64 9.37
CA ASP C 127 -16.42 26.40 10.13
C ASP C 127 -15.25 26.17 11.08
N TRP C 128 -14.07 26.72 10.77
CA TRP C 128 -12.89 26.53 11.59
C TRP C 128 -12.74 27.58 12.68
N LYS C 129 -13.74 28.46 12.84
CA LYS C 129 -13.74 29.42 13.93
C LYS C 129 -14.59 28.86 15.07
N PRO C 130 -14.02 28.61 16.25
CA PRO C 130 -14.84 28.10 17.36
C PRO C 130 -15.87 29.14 17.78
N ASP C 131 -17.03 28.65 18.23
CA ASP C 131 -18.01 29.60 18.73
C ASP C 131 -17.81 29.79 20.23
N TRP C 132 -18.72 30.55 20.83
CA TRP C 132 -18.60 30.93 22.23
C TRP C 132 -18.62 29.73 23.16
N ILE C 133 -19.35 28.67 22.81
CA ILE C 133 -19.29 27.44 23.61
C ILE C 133 -17.98 26.71 23.39
N GLN C 134 -17.53 26.62 22.14
CA GLN C 134 -16.39 25.76 21.85
C GLN C 134 -15.05 26.40 22.18
N ALA C 135 -14.96 27.72 22.11
CA ALA C 135 -13.66 28.41 22.18
C ALA C 135 -12.96 28.17 23.52
N TYR C 136 -11.64 27.99 23.44
CA TYR C 136 -10.77 27.85 24.59
C TYR C 136 -9.91 29.07 24.87
N CYS C 137 -9.70 29.92 23.88
CA CYS C 137 -8.71 31.00 23.96
C CYS C 137 -9.33 32.34 24.28
N GLY C 138 -10.17 32.86 23.38
CA GLY C 138 -10.81 34.14 23.59
C GLY C 138 -9.90 35.33 23.30
N ARG D 1 8.82 -9.80 15.07
CA ARG D 1 7.95 -8.88 14.36
C ARG D 1 8.59 -7.49 14.33
N PHE D 2 8.83 -6.96 13.13
CA PHE D 2 9.60 -5.74 13.00
C PHE D 2 8.74 -4.52 12.74
N THR D 3 7.49 -4.71 12.32
CA THR D 3 6.48 -3.66 12.24
C THR D 3 5.37 -3.97 13.24
N PRO D 4 5.06 -3.07 14.17
CA PRO D 4 4.08 -3.38 15.22
C PRO D 4 2.71 -3.66 14.62
N LEU D 5 1.84 -4.21 15.48
CA LEU D 5 0.49 -4.58 15.06
C LEU D 5 -0.44 -3.37 14.97
N GLY D 6 -0.25 -2.39 15.84
CA GLY D 6 -1.10 -1.23 15.91
C GLY D 6 -2.18 -1.26 16.99
N ILE D 7 -2.07 -2.16 17.96
CA ILE D 7 -3.07 -2.23 19.01
C ILE D 7 -2.80 -1.12 20.02
N ASP D 8 -3.86 -0.54 20.58
CA ASP D 8 -3.70 0.51 21.55
C ASP D 8 -3.39 -0.07 22.92
N GLU D 9 -3.08 0.82 23.88
CA GLU D 9 -2.66 0.39 25.21
C GLU D 9 -3.89 0.11 26.08
N PHE D 10 -3.99 -1.12 26.57
CA PHE D 10 -5.12 -1.54 27.39
C PHE D 10 -4.76 -1.44 28.87
N TYR D 11 -5.66 -0.85 29.66
CA TYR D 11 -5.51 -0.78 31.11
C TYR D 11 -6.01 -2.05 31.79
N LYS D 13 -7.80 -3.52 34.66
CA LYS D 13 -7.13 -3.29 35.93
C LYS D 13 -6.89 -4.59 36.72
N PRO D 14 -7.86 -5.51 36.74
CA PRO D 14 -7.60 -6.82 37.36
C PRO D 14 -6.31 -7.48 36.89
N CYS D 15 -5.87 -7.20 35.66
CA CYS D 15 -4.71 -7.87 35.08
C CYS D 15 -3.40 -7.17 35.36
N GLU D 16 -3.43 -5.94 35.90
CA GLU D 16 -2.20 -5.25 36.23
C GLU D 16 -1.38 -6.01 37.26
N ARG D 17 -2.04 -6.80 38.11
CA ARG D 17 -1.35 -7.59 39.11
C ARG D 17 -0.46 -8.67 38.51
N LYS D 18 -0.50 -8.88 37.20
CA LYS D 18 0.36 -9.88 36.56
C LYS D 18 1.66 -9.30 36.04
N ILE D 19 1.83 -7.98 36.07
CA ILE D 19 3.09 -7.35 35.66
C ILE D 19 4.04 -7.38 36.86
N VAL D 20 5.07 -8.23 36.78
CA VAL D 20 5.90 -8.55 37.94
C VAL D 20 7.38 -8.32 37.65
N TYR D 21 7.97 -9.16 36.80
CA TYR D 21 9.41 -9.12 36.57
C TYR D 21 9.80 -8.10 35.50
N THR D 22 8.87 -7.71 34.63
CA THR D 22 9.15 -6.78 33.54
C THR D 22 9.25 -5.37 34.10
N THR D 23 10.45 -4.78 34.01
CA THR D 23 10.68 -3.43 34.51
C THR D 23 11.14 -2.49 33.38
N LYS D 25 9.76 0.61 30.91
CA LYS D 25 8.43 0.89 30.41
C LYS D 25 8.26 0.43 28.96
N HIS D 26 9.36 0.38 28.21
CA HIS D 26 9.29 -0.08 26.83
C HIS D 26 8.85 -1.53 26.76
N ASP D 27 9.40 -2.39 27.62
CA ASP D 27 8.90 -3.76 27.69
C ASP D 27 7.52 -3.84 28.33
N LYS D 28 7.18 -2.89 29.19
CA LYS D 28 5.87 -2.86 29.84
C LYS D 28 4.79 -2.34 28.91
N CYS D 29 5.09 -1.29 28.14
CA CYS D 29 4.12 -0.76 27.20
C CYS D 29 3.77 -1.79 26.13
N LEU D 30 4.75 -2.59 25.71
CA LEU D 30 4.47 -3.67 24.76
C LEU D 30 3.42 -4.63 25.31
N MET D 31 3.54 -4.99 26.58
CA MET D 31 2.58 -5.88 27.22
C MET D 31 1.17 -5.32 27.15
N ARG D 32 1.00 -4.05 27.51
CA ARG D 32 -0.34 -3.44 27.50
C ARG D 32 -0.92 -3.32 26.09
N ARG D 33 -0.09 -3.39 25.06
CA ARG D 33 -0.54 -3.29 23.67
C ARG D 33 -0.59 -4.63 22.98
N LEU D 34 -0.37 -5.73 23.71
CA LEU D 34 -0.38 -7.08 23.16
C LEU D 34 0.52 -7.20 21.93
N GLU D 35 1.63 -6.49 21.93
CA GLU D 35 2.66 -6.63 20.91
C GLU D 35 3.72 -7.63 21.30
N ILE D 36 3.40 -8.51 22.25
CA ILE D 36 4.34 -9.44 22.86
C ILE D 36 4.58 -10.64 21.95
N GLU D 37 5.82 -11.13 21.96
CA GLU D 37 6.24 -12.28 21.15
C GLU D 37 6.82 -13.40 22.00
N MET D 38 7.70 -13.10 22.94
CA MET D 38 8.43 -14.11 23.69
C MET D 38 7.49 -14.90 24.62
N ASP D 39 7.71 -16.20 24.69
CA ASP D 39 6.94 -17.09 25.57
C ASP D 39 7.58 -17.09 26.94
N THR D 40 7.13 -16.18 27.80
CA THR D 40 7.56 -16.11 29.19
C THR D 40 6.37 -16.32 30.12
N GLY D 41 6.64 -16.84 31.31
CA GLY D 41 5.57 -17.07 32.27
C GLY D 41 4.79 -15.80 32.59
N GLU D 42 5.49 -14.67 32.70
CA GLU D 42 4.81 -13.43 33.01
C GLU D 42 3.93 -12.97 31.86
N ASN D 43 4.41 -13.13 30.61
CA ASN D 43 3.57 -12.81 29.46
C ASN D 43 2.34 -13.70 29.41
N GLN D 44 2.49 -14.99 29.69
CA GLN D 44 1.35 -15.89 29.66
C GLN D 44 0.28 -15.48 30.67
N GLY D 45 0.69 -15.24 31.92
CA GLY D 45 -0.28 -14.89 32.94
C GLY D 45 -1.04 -13.61 32.62
N TYR D 46 -0.35 -12.63 32.03
CA TYR D 46 -1.00 -11.36 31.74
C TYR D 46 -2.06 -11.50 30.65
N VAL D 47 -1.69 -12.12 29.52
CA VAL D 47 -2.61 -12.16 28.39
C VAL D 47 -3.72 -13.20 28.60
N LYS D 48 -3.47 -14.24 29.40
CA LYS D 48 -4.55 -15.11 29.86
C LYS D 48 -5.61 -14.31 30.61
N CYS D 49 -5.17 -13.47 31.56
CA CYS D 49 -6.09 -12.58 32.26
C CYS D 49 -6.79 -11.63 31.30
N VAL D 50 -6.06 -11.11 30.31
CA VAL D 50 -6.65 -10.18 29.36
C VAL D 50 -7.71 -10.87 28.54
N PHE D 51 -7.41 -12.07 28.03
CA PHE D 51 -8.36 -12.80 27.20
C PHE D 51 -9.59 -13.25 27.99
N LYS D 52 -9.43 -13.57 29.28
CA LYS D 52 -10.62 -13.85 30.08
C LYS D 52 -11.45 -12.60 30.31
N GLU D 53 -10.79 -11.44 30.44
CA GLU D 53 -11.54 -10.18 30.51
C GLU D 53 -12.31 -9.93 29.22
N PHE D 54 -11.66 -10.15 28.06
CA PHE D 54 -12.41 -10.06 26.80
C PHE D 54 -13.50 -11.10 26.66
N GLY D 55 -13.49 -12.15 27.47
CA GLY D 55 -14.36 -13.27 27.19
C GLY D 55 -13.84 -14.20 26.11
N TYR D 56 -12.59 -14.01 25.66
CA TYR D 56 -11.99 -14.89 24.65
C TYR D 56 -11.57 -16.23 25.23
N LEU D 57 -11.33 -16.30 26.54
CA LEU D 57 -10.94 -17.52 27.22
C LEU D 57 -11.95 -17.77 28.33
N ASN D 58 -12.52 -18.98 28.36
CA ASN D 58 -13.57 -19.30 29.31
C ASN D 58 -12.94 -19.80 30.61
N GLY D 59 -13.78 -20.30 31.52
CA GLY D 59 -13.27 -20.89 32.75
C GLY D 59 -12.58 -22.21 32.55
N GLU D 60 -12.81 -22.89 31.42
CA GLU D 60 -12.16 -24.14 31.12
C GLU D 60 -10.86 -23.98 30.34
N GLY D 61 -10.44 -22.75 30.06
CA GLY D 61 -9.25 -22.50 29.28
C GLY D 61 -9.42 -22.67 27.79
N GLN D 62 -10.65 -22.77 27.30
CA GLN D 62 -10.89 -22.92 25.88
C GLN D 62 -11.19 -21.56 25.25
N PHE D 63 -10.76 -21.42 23.99
CA PHE D 63 -10.99 -20.18 23.26
C PHE D 63 -12.46 -20.06 22.86
N ASN D 64 -12.99 -18.86 22.95
CA ASN D 64 -14.40 -18.58 22.66
C ASN D 64 -14.49 -17.89 21.31
N LYS D 65 -14.71 -18.68 20.25
CA LYS D 65 -14.80 -18.12 18.91
C LYS D 65 -16.00 -17.19 18.76
N GLN D 66 -17.10 -17.45 19.48
CA GLN D 66 -18.26 -16.58 19.39
C GLN D 66 -17.92 -15.19 19.90
N ALA D 67 -17.12 -15.10 20.97
CA ALA D 67 -16.76 -13.77 21.47
C ALA D 67 -15.84 -13.05 20.50
N LEU D 68 -14.96 -13.77 19.82
CA LEU D 68 -14.11 -13.14 18.81
C LEU D 68 -14.94 -12.56 17.67
N LEU D 69 -15.90 -13.35 17.16
CA LEU D 69 -16.72 -12.89 16.04
C LEU D 69 -17.60 -11.72 16.45
N LYS D 70 -18.06 -11.70 17.70
CA LYS D 70 -18.89 -10.60 18.16
C LYS D 70 -18.11 -9.29 18.14
N ASP D 71 -16.84 -9.33 18.51
CA ASP D 71 -16.00 -8.13 18.42
C ASP D 71 -15.82 -7.70 16.97
N TYR D 72 -15.62 -8.65 16.07
CA TYR D 72 -15.55 -8.30 14.64
C TYR D 72 -16.83 -7.62 14.17
N HIS D 73 -17.98 -8.23 14.48
CA HIS D 73 -19.26 -7.67 14.05
C HIS D 73 -19.46 -6.27 14.62
N GLN D 74 -19.20 -6.12 15.92
CA GLN D 74 -19.38 -4.82 16.57
C GLN D 74 -18.51 -3.74 15.95
N ALA D 75 -17.34 -4.11 15.44
CA ALA D 75 -16.45 -3.16 14.80
C ALA D 75 -16.77 -2.94 13.33
N GLY D 76 -17.85 -3.55 12.84
CA GLY D 76 -18.27 -3.38 11.47
C GLY D 76 -17.82 -4.44 10.48
N PHE D 77 -17.20 -5.53 10.95
CA PHE D 77 -16.73 -6.62 10.08
C PHE D 77 -17.66 -7.82 10.27
N LYS D 78 -18.72 -7.89 9.47
CA LYS D 78 -19.67 -8.99 9.56
C LYS D 78 -19.67 -9.93 8.36
N ASN D 79 -18.88 -9.65 7.33
CA ASN D 79 -18.84 -10.50 6.15
C ASN D 79 -17.62 -11.40 6.10
N LYS D 80 -16.94 -11.58 7.23
CA LYS D 80 -15.61 -12.20 7.27
C LYS D 80 -15.54 -13.42 8.16
N ASP D 81 -16.67 -13.93 8.68
CA ASP D 81 -16.60 -14.94 9.74
C ASP D 81 -15.79 -16.14 9.32
N LYS D 82 -15.93 -16.57 8.06
CA LYS D 82 -15.21 -17.74 7.57
C LYS D 82 -13.70 -17.49 7.57
N ALA D 83 -13.27 -16.35 7.04
CA ALA D 83 -11.85 -16.06 6.94
C ALA D 83 -11.22 -15.79 8.31
N VAL D 84 -12.01 -15.30 9.27
CA VAL D 84 -11.50 -15.10 10.62
C VAL D 84 -11.26 -16.44 11.30
N LEU D 85 -12.26 -17.33 11.29
CA LEU D 85 -12.10 -18.61 11.96
C LEU D 85 -11.06 -19.47 11.25
N GLU D 86 -11.02 -19.41 9.91
CA GLU D 86 -10.05 -20.21 9.17
C GLU D 86 -8.62 -19.76 9.47
N SER D 87 -8.40 -18.44 9.52
CA SER D 87 -7.09 -17.91 9.91
C SER D 87 -6.68 -18.45 11.27
N TYR D 88 -7.55 -18.30 12.27
CA TYR D 88 -7.27 -18.82 13.60
C TYR D 88 -7.04 -20.32 13.58
N ASP D 89 -7.93 -21.07 12.92
CA ASP D 89 -7.84 -22.52 12.94
C ASP D 89 -6.58 -23.01 12.24
N GLY D 90 -6.25 -22.43 11.09
CA GLY D 90 -5.02 -22.81 10.42
C GLY D 90 -3.79 -22.54 11.28
N CYS D 91 -3.81 -21.41 12.00
CA CYS D 91 -2.69 -21.09 12.88
C CYS D 91 -2.62 -22.02 14.09
N MET D 92 -3.77 -22.46 14.63
CA MET D 92 -3.82 -23.45 15.72
C MET D 92 -3.95 -24.89 15.25
N LYS D 93 -3.51 -25.21 14.02
CA LYS D 93 -3.73 -26.55 13.50
C LYS D 93 -3.07 -27.63 14.36
N ASN D 94 -1.97 -27.31 15.04
CA ASN D 94 -1.26 -28.32 15.83
C ASN D 94 -1.55 -28.25 17.32
N TYR D 95 -2.56 -27.48 17.73
CA TYR D 95 -2.81 -27.20 19.13
C TYR D 95 -4.16 -27.75 19.55
N GLY D 96 -4.26 -28.14 20.82
CA GLY D 96 -5.45 -28.74 21.38
C GLY D 96 -6.41 -27.74 21.96
N PRO D 97 -7.38 -28.23 22.75
CA PRO D 97 -8.48 -27.35 23.21
C PRO D 97 -8.13 -26.35 24.29
N THR D 98 -7.01 -26.50 25.00
CA THR D 98 -6.62 -25.56 26.06
C THR D 98 -5.20 -25.08 25.79
N PRO D 99 -5.01 -24.29 24.73
CA PRO D 99 -3.66 -23.83 24.39
C PRO D 99 -3.25 -22.61 25.18
N ASN D 100 -1.94 -22.36 25.20
CA ASN D 100 -1.40 -21.25 25.98
C ASN D 100 -1.78 -19.91 25.38
N ALA D 101 -1.92 -18.92 26.27
CA ALA D 101 -2.44 -17.62 25.86
C ALA D 101 -1.57 -16.92 24.84
N MET D 102 -0.24 -17.09 24.92
CA MET D 102 0.66 -16.47 23.94
C MET D 102 0.42 -17.01 22.54
N LYS D 103 0.19 -18.31 22.42
CA LYS D 103 -0.10 -18.85 21.08
C LYS D 103 -1.46 -18.41 20.60
N ILE D 104 -2.45 -18.28 21.50
CA ILE D 104 -3.73 -17.72 21.10
C ILE D 104 -3.54 -16.30 20.57
N LEU D 105 -2.73 -15.50 21.27
CA LEU D 105 -2.44 -14.14 20.81
C LEU D 105 -1.77 -14.15 19.44
N ASP D 106 -0.76 -15.01 19.29
CA ASP D 106 -0.06 -15.16 18.02
C ASP D 106 -1.05 -15.42 16.88
N CYS D 107 -2.05 -16.26 17.13
CA CYS D 107 -2.96 -16.66 16.07
C CYS D 107 -4.10 -15.68 15.85
N VAL D 108 -4.64 -15.04 16.90
CA VAL D 108 -5.73 -14.10 16.65
C VAL D 108 -5.21 -12.87 15.93
N THR D 109 -3.92 -12.55 16.08
CA THR D 109 -3.36 -11.34 15.49
C THR D 109 -2.86 -11.57 14.06
N LYS D 110 -3.04 -12.77 13.50
CA LYS D 110 -2.70 -12.95 12.09
C LYS D 110 -3.69 -12.23 11.18
N ASP D 111 -4.97 -12.19 11.56
CA ASP D 111 -5.94 -11.49 10.73
C ASP D 111 -5.65 -9.99 10.72
N LYS D 112 -5.63 -9.40 9.52
CA LYS D 112 -5.18 -8.02 9.37
C LYS D 112 -6.10 -7.02 10.06
N ASP D 113 -7.35 -7.39 10.32
CA ASP D 113 -8.29 -6.46 10.91
C ASP D 113 -8.40 -6.58 12.41
N PHE D 114 -7.68 -7.52 13.04
CA PHE D 114 -7.82 -7.65 14.48
C PHE D 114 -7.43 -6.38 15.24
N PRO D 115 -6.35 -5.65 14.89
CA PRO D 115 -6.08 -4.42 15.64
C PRO D 115 -7.23 -3.43 15.61
N LYS D 116 -7.81 -3.17 14.43
CA LYS D 116 -8.97 -2.29 14.36
C LYS D 116 -10.12 -2.79 15.21
N VAL D 117 -10.32 -4.12 15.22
CA VAL D 117 -11.42 -4.71 15.96
C VAL D 117 -11.23 -4.51 17.47
N ILE D 118 -10.06 -4.88 17.99
CA ILE D 118 -9.86 -4.79 19.43
C ILE D 118 -9.66 -3.34 19.84
N ASN D 119 -9.14 -2.49 18.95
CA ASN D 119 -9.09 -1.06 19.28
C ASN D 119 -10.49 -0.47 19.39
N ALA D 120 -11.40 -0.90 18.51
CA ALA D 120 -12.78 -0.43 18.60
C ALA D 120 -13.42 -0.88 19.90
N ARG D 121 -13.06 -2.05 20.41
CA ARG D 121 -13.64 -2.48 21.67
C ARG D 121 -13.06 -1.71 22.85
N ARG D 122 -11.80 -1.29 22.77
CA ARG D 122 -11.27 -0.43 23.82
C ARG D 122 -12.00 0.91 23.83
N GLU D 123 -12.28 1.46 22.64
CA GLU D 123 -13.06 2.70 22.55
C GLU D 123 -14.44 2.54 23.17
N ARG D 124 -14.97 1.31 23.15
CA ARG D 124 -16.28 1.00 23.71
C ARG D 124 -16.25 0.76 25.22
N ASN D 125 -15.06 0.69 25.81
CA ASN D 125 -14.88 0.35 27.23
C ASN D 125 -14.01 1.44 27.85
N SER D 126 -14.66 2.48 28.41
CA SER D 126 -13.94 3.66 28.84
C SER D 126 -12.90 3.33 29.91
N ASP D 127 -13.21 2.42 30.82
CA ASP D 127 -12.28 2.12 31.90
C ASP D 127 -11.11 1.25 31.46
N TRP D 128 -11.02 0.88 30.19
CA TRP D 128 -9.84 0.19 29.66
C TRP D 128 -8.84 1.15 29.03
N LYS D 129 -9.15 2.46 29.04
CA LYS D 129 -8.27 3.49 28.51
C LYS D 129 -7.45 4.08 29.65
N PRO D 130 -6.12 4.07 29.57
CA PRO D 130 -5.31 4.59 30.67
C PRO D 130 -5.38 6.11 30.75
N ASP D 131 -4.83 6.63 31.83
CA ASP D 131 -4.60 8.06 32.03
C ASP D 131 -3.19 8.42 31.58
N TRP D 132 -2.91 9.73 31.56
CA TRP D 132 -1.58 10.20 31.22
C TRP D 132 -0.56 9.77 32.27
N GLN D 134 -1.16 7.04 34.09
CA GLN D 134 -1.31 5.60 34.02
C GLN D 134 -0.59 5.00 32.81
N ALA D 135 -0.73 5.64 31.66
CA ALA D 135 -0.19 5.09 30.42
C ALA D 135 1.32 5.06 30.44
N TYR D 136 1.88 4.04 29.81
CA TYR D 136 3.33 3.92 29.62
C TYR D 136 3.75 4.07 28.16
N CYS D 137 2.79 4.28 27.27
CA CYS D 137 3.09 4.37 25.84
C CYS D 137 3.08 5.81 25.35
S SO4 E . 3.09 2.10 -12.18
O1 SO4 E . 1.71 2.01 -11.69
O2 SO4 E . 3.79 3.15 -11.43
O3 SO4 E . 3.13 2.42 -13.60
O4 SO4 E . 3.77 0.81 -11.97
S SO4 F . 22.29 -26.25 -25.57
O1 SO4 F . 22.78 -25.01 -24.95
O2 SO4 F . 22.95 -27.40 -24.97
O3 SO4 F . 20.84 -26.36 -25.35
O4 SO4 F . 22.58 -26.22 -26.99
S SO4 G . -9.13 28.21 1.26
O1 SO4 G . -9.78 29.49 1.54
O2 SO4 G . -9.58 27.20 2.22
O3 SO4 G . -9.47 27.76 -0.10
O4 SO4 G . -7.69 28.40 1.36
#